data_7UW6
#
_entry.id   7UW6
#
_cell.length_a   34.873
_cell.length_b   54.566
_cell.length_c   95.242
_cell.angle_alpha   90.000
_cell.angle_beta   90.000
_cell.angle_gamma   90.000
#
_symmetry.space_group_name_H-M   'P 21 21 21'
#
loop_
_entity.id
_entity.type
_entity.pdbx_description
1 polymer 'Low molecular weight phosphotyrosine protein phosphatase'
2 non-polymer '2-[(1,3-benzothiazol-2-yl)amino]-2-oxoethane-1-sulfonic acid'
3 water water
#
_entity_poly.entity_id   1
_entity_poly.type   'polypeptide(L)'
_entity_poly.pdbx_seq_one_letter_code
;MGSSHHHHHHSSGLVPRGSHAEQATKSVLFVCLGNICRSPIAEAVFRKLVTDQNISENWRVDSAATSGYEIGNPPDYRGQ
SCMKRHGIPMSHVARQITKEDFATFDYILCMDESNLRDLNRKSNQVKTCKAKIELLGSYDPQKQLIIEDPYYGNDSDFET
VYQQCVRCCRAFLEKAH
;
_entity_poly.pdbx_strand_id   A
#
loop_
_chem_comp.id
_chem_comp.type
_chem_comp.name
_chem_comp.formula
OIF non-polymer '2-[(1,3-benzothiazol-2-yl)amino]-2-oxoethane-1-sulfonic acid' 'C9 H8 N2 O4 S2'
#
# COMPACT_ATOMS: atom_id res chain seq x y z
N ALA A 24 -18.62 -4.41 -0.81
CA ALA A 24 -18.99 -5.37 0.22
C ALA A 24 -19.58 -4.75 1.48
N THR A 25 -18.99 -3.66 2.00
CA THR A 25 -17.84 -2.97 1.44
C THR A 25 -16.54 -3.69 1.81
N LYS A 26 -15.61 -3.77 0.87
CA LYS A 26 -14.31 -4.37 1.10
CA LYS A 26 -14.31 -4.37 1.10
C LYS A 26 -13.29 -3.28 1.37
N SER A 27 -12.25 -3.64 2.11
CA SER A 27 -11.26 -2.60 2.42
C SER A 27 -9.84 -3.13 2.35
N VAL A 28 -8.93 -2.27 1.94
CA VAL A 28 -7.52 -2.62 1.90
C VAL A 28 -6.69 -1.41 2.28
N LEU A 29 -5.68 -1.66 3.13
CA LEU A 29 -4.73 -0.65 3.56
C LEU A 29 -3.34 -1.10 3.09
N PHE A 30 -2.70 -0.26 2.27
CA PHE A 30 -1.32 -0.51 1.84
C PHE A 30 -0.38 0.18 2.81
N VAL A 31 0.68 -0.52 3.21
CA VAL A 31 1.58 -0.06 4.27
C VAL A 31 3.03 -0.17 3.81
N CYS A 32 3.79 0.88 4.08
CA CYS A 32 5.25 0.83 3.92
C CYS A 32 5.88 1.58 5.10
N LEU A 33 7.19 1.83 5.03
CA LEU A 33 7.90 2.46 6.14
C LEU A 33 7.45 3.91 6.37
N GLY A 34 7.46 4.72 5.31
CA GLY A 34 7.21 6.15 5.46
C GLY A 34 5.84 6.61 4.99
N ASN A 35 5.21 5.81 4.12
CA ASN A 35 3.93 6.18 3.47
C ASN A 35 4.12 7.43 2.60
N ILE A 36 5.29 7.56 1.98
CA ILE A 36 5.54 8.62 0.99
C ILE A 36 5.97 8.08 -0.37
N CYS A 37 6.35 6.80 -0.50
CA CYS A 37 6.76 6.26 -1.80
C CYS A 37 5.94 5.02 -2.15
N ARG A 38 6.18 3.88 -1.51
CA ARG A 38 5.59 2.65 -2.03
C ARG A 38 4.08 2.58 -1.79
N SER A 39 3.63 2.76 -0.54
CA SER A 39 2.21 2.50 -0.29
C SER A 39 1.30 3.57 -0.90
N PRO A 40 1.67 4.85 -0.99
CA PRO A 40 0.76 5.77 -1.72
C PRO A 40 0.63 5.44 -3.19
N ILE A 41 1.70 4.93 -3.81
CA ILE A 41 1.60 4.45 -5.18
C ILE A 41 0.67 3.24 -5.26
N ALA A 42 0.86 2.25 -4.36
CA ALA A 42 -0.04 1.09 -4.39
C ALA A 42 -1.49 1.50 -4.22
N GLU A 43 -1.75 2.40 -3.29
CA GLU A 43 -3.12 2.84 -3.04
C GLU A 43 -3.70 3.48 -4.29
N ALA A 44 -2.92 4.36 -4.92
CA ALA A 44 -3.39 5.06 -6.11
C ALA A 44 -3.61 4.11 -7.28
N VAL A 45 -2.69 3.16 -7.50
CA VAL A 45 -2.87 2.14 -8.53
C VAL A 45 -4.14 1.34 -8.27
N PHE A 46 -4.34 0.89 -7.03
CA PHE A 46 -5.51 0.08 -6.71
C PHE A 46 -6.80 0.87 -6.88
N ARG A 47 -6.84 2.12 -6.40
CA ARG A 47 -8.05 2.91 -6.56
C ARG A 47 -8.40 3.10 -8.03
N LYS A 48 -7.38 3.31 -8.88
CA LYS A 48 -7.66 3.47 -10.31
C LYS A 48 -8.24 2.16 -10.89
N LEU A 49 -7.67 1.02 -10.50
CA LEU A 49 -8.16 -0.27 -11.00
CA LEU A 49 -8.15 -0.27 -11.00
C LEU A 49 -9.63 -0.46 -10.68
N VAL A 50 -10.02 -0.24 -9.42
CA VAL A 50 -11.43 -0.45 -9.09
CA VAL A 50 -11.43 -0.45 -9.09
C VAL A 50 -12.30 0.62 -9.71
N THR A 51 -11.81 1.87 -9.81
CA THR A 51 -12.60 2.90 -10.50
C THR A 51 -12.82 2.56 -11.97
N ASP A 52 -11.77 2.07 -12.64
CA ASP A 52 -11.91 1.64 -14.04
C ASP A 52 -12.90 0.49 -14.21
N GLN A 53 -13.12 -0.33 -13.18
CA GLN A 53 -14.06 -1.44 -13.24
C GLN A 53 -15.41 -1.10 -12.60
N ASN A 54 -15.67 0.18 -12.34
CA ASN A 54 -16.97 0.68 -11.88
C ASN A 54 -17.31 0.28 -10.45
N ILE A 55 -16.33 -0.15 -9.66
CA ILE A 55 -16.61 -0.69 -8.34
C ILE A 55 -15.87 0.08 -7.24
N SER A 56 -15.46 1.31 -7.51
CA SER A 56 -14.76 2.04 -6.45
CA SER A 56 -14.78 2.08 -6.47
C SER A 56 -15.66 2.24 -5.24
N GLU A 57 -16.99 2.35 -5.45
CA GLU A 57 -17.91 2.50 -4.34
C GLU A 57 -17.95 1.28 -3.43
N ASN A 58 -17.48 0.12 -3.90
CA ASN A 58 -17.47 -1.11 -3.14
C ASN A 58 -16.23 -1.24 -2.27
N TRP A 59 -15.26 -0.32 -2.39
CA TRP A 59 -13.94 -0.48 -1.80
C TRP A 59 -13.57 0.73 -0.96
N ARG A 60 -13.02 0.48 0.22
CA ARG A 60 -12.34 1.49 1.00
C ARG A 60 -10.86 1.24 0.82
N VAL A 61 -10.14 2.22 0.28
CA VAL A 61 -8.72 2.07 -0.05
C VAL A 61 -7.95 3.17 0.68
N ASP A 62 -6.79 2.80 1.25
CA ASP A 62 -6.02 3.79 2.02
C ASP A 62 -4.57 3.31 2.06
N SER A 63 -3.70 4.18 2.57
CA SER A 63 -2.33 3.76 2.84
C SER A 63 -1.84 4.42 4.13
N ALA A 64 -0.88 3.75 4.77
CA ALA A 64 -0.31 4.25 6.01
C ALA A 64 1.12 3.74 6.18
N ALA A 65 1.80 4.33 7.18
CA ALA A 65 3.22 4.09 7.47
C ALA A 65 3.39 3.26 8.73
N THR A 66 4.43 2.43 8.77
CA THR A 66 4.77 1.80 10.04
C THR A 66 5.39 2.82 11.00
N SER A 67 6.09 3.84 10.48
CA SER A 67 6.88 4.77 11.27
C SER A 67 6.24 6.16 11.28
N GLY A 68 6.84 7.04 12.08
CA GLY A 68 6.40 8.41 12.14
C GLY A 68 7.32 9.40 11.44
N TYR A 69 8.20 8.89 10.58
CA TYR A 69 9.24 9.72 9.98
C TYR A 69 8.68 10.78 9.05
N GLU A 70 7.54 10.52 8.39
CA GLU A 70 7.04 11.40 7.33
C GLU A 70 5.61 11.91 7.54
N ILE A 71 5.06 11.76 8.73
CA ILE A 71 3.67 12.13 9.02
CA ILE A 71 3.67 12.11 8.98
C ILE A 71 3.37 13.50 8.47
N GLY A 72 2.27 13.61 7.73
CA GLY A 72 1.84 14.88 7.19
C GLY A 72 2.38 15.22 5.83
N ASN A 73 3.37 14.46 5.32
CA ASN A 73 3.98 14.85 4.06
CA ASN A 73 3.98 14.85 4.06
C ASN A 73 3.31 14.13 2.88
N PRO A 74 3.22 14.81 1.75
CA PRO A 74 2.70 14.17 0.54
C PRO A 74 3.72 13.21 -0.02
N PRO A 75 3.32 12.42 -1.01
CA PRO A 75 4.25 11.47 -1.62
C PRO A 75 5.48 12.17 -2.17
N ASP A 76 6.62 11.50 -2.06
CA ASP A 76 7.83 11.99 -2.69
C ASP A 76 7.55 12.39 -4.12
N TYR A 77 7.99 13.60 -4.51
CA TYR A 77 7.61 14.10 -5.82
C TYR A 77 8.14 13.21 -6.95
N ARG A 78 9.21 12.44 -6.72
CA ARG A 78 9.65 11.50 -7.75
C ARG A 78 8.58 10.47 -8.03
N GLY A 79 7.83 10.08 -7.01
CA GLY A 79 6.71 9.17 -7.21
C GLY A 79 5.56 9.83 -7.94
N GLN A 80 5.31 11.11 -7.63
CA GLN A 80 4.33 11.87 -8.40
C GLN A 80 4.70 11.91 -9.88
N SER A 81 5.96 12.19 -10.18
CA SER A 81 6.37 12.26 -11.57
C SER A 81 6.11 10.94 -12.27
N CYS A 82 6.45 9.83 -11.61
CA CYS A 82 6.18 8.51 -12.16
C CYS A 82 4.69 8.33 -12.43
N MET A 83 3.86 8.64 -11.44
CA MET A 83 2.41 8.44 -11.59
C MET A 83 1.83 9.36 -12.66
N LYS A 84 2.33 10.58 -12.78
CA LYS A 84 1.84 11.46 -13.86
C LYS A 84 2.13 10.84 -15.22
N ARG A 85 3.31 10.23 -15.38
CA ARG A 85 3.65 9.60 -16.65
C ARG A 85 2.65 8.52 -17.00
N HIS A 86 2.16 7.79 -16.01
CA HIS A 86 1.26 6.67 -16.22
C HIS A 86 -0.20 7.06 -16.15
N GLY A 87 -0.49 8.35 -15.94
CA GLY A 87 -1.85 8.84 -15.93
C GLY A 87 -2.64 8.45 -14.70
N ILE A 88 -2.00 8.29 -13.56
CA ILE A 88 -2.67 7.77 -12.37
C ILE A 88 -2.75 8.89 -11.34
N PRO A 89 -3.94 9.35 -10.98
CA PRO A 89 -4.05 10.38 -9.95
C PRO A 89 -3.48 9.88 -8.63
N MET A 90 -2.76 10.75 -7.93
CA MET A 90 -2.25 10.38 -6.60
C MET A 90 -2.30 11.60 -5.68
N SER A 91 -3.03 11.47 -4.59
CA SER A 91 -3.16 12.54 -3.61
CA SER A 91 -3.20 12.54 -3.60
C SER A 91 -3.23 11.90 -2.24
N HIS A 92 -2.32 12.30 -1.35
CA HIS A 92 -2.23 11.63 -0.07
C HIS A 92 -1.38 12.50 0.84
N VAL A 93 -1.65 12.41 2.14
CA VAL A 93 -0.75 12.92 3.17
C VAL A 93 -0.39 11.76 4.10
N ALA A 94 0.89 11.61 4.38
CA ALA A 94 1.35 10.46 5.13
C ALA A 94 0.72 10.41 6.52
N ARG A 95 0.38 9.21 6.96
CA ARG A 95 -0.10 8.96 8.31
C ARG A 95 0.44 7.62 8.77
N GLN A 96 0.55 7.48 10.09
CA GLN A 96 1.02 6.23 10.68
C GLN A 96 -0.16 5.31 10.94
N ILE A 97 0.06 4.02 10.72
CA ILE A 97 -0.98 3.07 11.08
C ILE A 97 -1.33 3.19 12.56
N THR A 98 -2.58 2.90 12.87
CA THR A 98 -3.14 3.01 14.23
C THR A 98 -3.75 1.68 14.64
N LYS A 99 -4.05 1.58 15.95
CA LYS A 99 -4.69 0.37 16.45
C LYS A 99 -6.02 0.11 15.78
N GLU A 100 -6.74 1.17 15.44
CA GLU A 100 -8.04 1.05 14.79
C GLU A 100 -7.93 0.35 13.44
N ASP A 101 -6.83 0.58 12.71
CA ASP A 101 -6.72 0.02 11.36
C ASP A 101 -6.77 -1.50 11.35
N PHE A 102 -6.27 -2.14 12.42
CA PHE A 102 -6.33 -3.59 12.49
C PHE A 102 -7.75 -4.10 12.64
N ALA A 103 -8.64 -3.31 13.25
CA ALA A 103 -10.02 -3.73 13.41
C ALA A 103 -10.85 -3.46 12.16
N THR A 104 -10.51 -2.41 11.40
CA THR A 104 -11.43 -1.98 10.34
C THR A 104 -11.08 -2.50 8.95
N PHE A 105 -9.83 -2.80 8.67
CA PHE A 105 -9.44 -3.18 7.31
C PHE A 105 -9.50 -4.69 7.14
N ASP A 106 -9.99 -5.14 5.97
CA ASP A 106 -9.99 -6.57 5.68
C ASP A 106 -8.57 -7.08 5.38
N TYR A 107 -7.78 -6.29 4.67
CA TYR A 107 -6.43 -6.63 4.29
C TYR A 107 -5.49 -5.47 4.58
N ILE A 108 -4.31 -5.80 5.08
CA ILE A 108 -3.20 -4.88 5.22
C ILE A 108 -2.05 -5.49 4.42
N LEU A 109 -1.69 -4.83 3.33
CA LEU A 109 -0.73 -5.37 2.38
C LEU A 109 0.50 -4.48 2.41
N CYS A 110 1.64 -5.06 2.80
CA CYS A 110 2.85 -4.27 3.05
C CYS A 110 3.97 -4.66 2.09
N MET A 111 5.09 -3.94 2.19
CA MET A 111 6.08 -3.98 1.10
C MET A 111 7.26 -4.92 1.36
N ASP A 112 7.75 -5.01 2.60
CA ASP A 112 8.93 -5.84 2.82
C ASP A 112 8.83 -6.55 4.17
N GLU A 113 9.82 -7.40 4.47
CA GLU A 113 9.70 -8.25 5.66
C GLU A 113 9.76 -7.43 6.94
N SER A 114 10.46 -6.30 6.91
CA SER A 114 10.50 -5.45 8.09
CA SER A 114 10.50 -5.43 8.08
C SER A 114 9.15 -4.84 8.36
N ASN A 115 8.45 -4.36 7.30
CA ASN A 115 7.08 -3.89 7.49
C ASN A 115 6.22 -4.99 8.11
N LEU A 116 6.37 -6.21 7.58
CA LEU A 116 5.50 -7.32 7.98
C LEU A 116 5.70 -7.65 9.45
N ARG A 117 6.97 -7.69 9.86
CA ARG A 117 7.33 -7.92 11.25
CA ARG A 117 7.28 -7.94 11.27
C ARG A 117 6.73 -6.84 12.16
N ASP A 118 6.88 -5.58 11.75
CA ASP A 118 6.38 -4.48 12.57
CA ASP A 118 6.38 -4.45 12.53
C ASP A 118 4.87 -4.51 12.67
N LEU A 119 4.17 -4.77 11.55
CA LEU A 119 2.73 -4.87 11.56
C LEU A 119 2.25 -6.01 12.44
N ASN A 120 2.89 -7.19 12.33
CA ASN A 120 2.52 -8.30 13.20
C ASN A 120 2.75 -7.95 14.68
N ARG A 121 3.87 -7.29 14.99
CA ARG A 121 4.09 -6.85 16.37
CA ARG A 121 4.10 -6.84 16.37
C ARG A 121 2.97 -5.95 16.85
N LYS A 122 2.65 -4.92 16.07
CA LYS A 122 1.57 -4.01 16.45
C LYS A 122 0.22 -4.73 16.55
N SER A 123 -0.04 -5.70 15.67
CA SER A 123 -1.33 -6.38 15.65
C SER A 123 -1.54 -7.22 16.91
N ASN A 124 -0.46 -7.67 17.53
CA ASN A 124 -0.60 -8.48 18.73
C ASN A 124 -0.79 -7.63 19.98
N GLN A 125 -0.83 -6.32 19.83
CA GLN A 125 -1.08 -5.40 20.93
C GLN A 125 -2.53 -4.94 20.98
N VAL A 126 -3.38 -5.43 20.08
CA VAL A 126 -4.78 -5.02 20.02
C VAL A 126 -5.68 -6.22 20.24
N LYS A 127 -6.90 -5.94 20.73
CA LYS A 127 -7.85 -7.02 20.98
C LYS A 127 -8.47 -7.55 19.69
N THR A 128 -8.83 -6.67 18.76
CA THR A 128 -9.55 -7.05 17.55
C THR A 128 -8.67 -6.83 16.34
N CYS A 129 -8.26 -7.91 15.67
CA CYS A 129 -7.49 -7.81 14.43
C CYS A 129 -8.26 -8.54 13.33
N LYS A 130 -9.14 -7.80 12.65
CA LYS A 130 -9.83 -8.34 11.49
C LYS A 130 -8.87 -8.54 10.32
N ALA A 131 -7.89 -7.66 10.19
CA ALA A 131 -7.08 -7.62 8.98
C ALA A 131 -6.26 -8.88 8.79
N LYS A 132 -6.21 -9.36 7.55
CA LYS A 132 -5.18 -10.30 7.12
C LYS A 132 -3.98 -9.48 6.67
N ILE A 133 -2.82 -9.77 7.27
CA ILE A 133 -1.60 -9.00 7.07
C ILE A 133 -0.66 -9.83 6.20
N GLU A 134 -0.28 -9.27 5.06
CA GLU A 134 0.51 -10.01 4.08
C GLU A 134 1.42 -9.07 3.31
N LEU A 135 2.42 -9.68 2.67
CA LEU A 135 3.21 -8.92 1.70
C LEU A 135 2.40 -8.72 0.42
N LEU A 136 2.39 -7.48 -0.08
CA LEU A 136 1.75 -7.21 -1.36
C LEU A 136 2.37 -8.06 -2.45
N GLY A 137 3.70 -8.23 -2.40
CA GLY A 137 4.44 -9.03 -3.40
C GLY A 137 4.04 -10.48 -3.42
N SER A 138 3.32 -10.96 -2.40
CA SER A 138 2.88 -12.35 -2.43
C SER A 138 1.82 -12.57 -3.49
N TYR A 139 1.28 -11.49 -4.06
CA TYR A 139 0.32 -11.57 -5.15
C TYR A 139 0.98 -11.50 -6.53
N ASP A 140 2.27 -11.26 -6.60
CA ASP A 140 2.92 -11.04 -7.88
C ASP A 140 3.00 -12.32 -8.68
N PRO A 141 2.40 -12.40 -9.88
CA PRO A 141 2.60 -13.59 -10.72
C PRO A 141 4.05 -13.81 -11.08
N GLN A 142 4.86 -12.75 -11.11
CA GLN A 142 6.29 -12.85 -11.38
C GLN A 142 7.13 -13.13 -10.14
N LYS A 143 6.48 -13.27 -8.98
CA LYS A 143 7.13 -13.79 -7.77
C LYS A 143 8.25 -12.89 -7.25
N GLN A 144 8.16 -11.58 -7.48
CA GLN A 144 9.07 -10.62 -6.84
C GLN A 144 8.46 -10.26 -5.49
N LEU A 145 8.94 -10.94 -4.45
CA LEU A 145 8.22 -10.93 -3.17
C LEU A 145 8.32 -9.57 -2.49
N ILE A 146 9.48 -8.91 -2.59
CA ILE A 146 9.76 -7.69 -1.85
C ILE A 146 9.64 -6.49 -2.79
N ILE A 147 8.96 -5.44 -2.33
CA ILE A 147 8.87 -4.17 -3.01
C ILE A 147 9.82 -3.26 -2.26
N GLU A 148 11.00 -3.02 -2.86
CA GLU A 148 12.11 -2.34 -2.18
CA GLU A 148 12.09 -2.36 -2.15
C GLU A 148 11.91 -0.84 -2.11
N ASP A 149 12.39 -0.25 -1.04
CA ASP A 149 12.26 1.17 -0.77
C ASP A 149 13.03 1.97 -1.80
N PRO A 150 12.39 2.78 -2.64
CA PRO A 150 13.11 3.54 -3.67
C PRO A 150 13.65 4.87 -3.20
N TYR A 151 13.55 5.19 -1.91
CA TYR A 151 13.85 6.55 -1.46
C TYR A 151 15.27 6.96 -1.79
N TYR A 152 16.24 6.05 -1.62
CA TYR A 152 17.62 6.35 -1.92
C TYR A 152 18.03 5.86 -3.30
N GLY A 153 17.05 5.52 -4.14
CA GLY A 153 17.28 5.09 -5.49
C GLY A 153 17.02 6.22 -6.48
N ASN A 154 16.70 5.83 -7.70
CA ASN A 154 16.47 6.80 -8.78
C ASN A 154 15.11 6.56 -9.40
N ASP A 155 14.84 7.29 -10.48
CA ASP A 155 13.54 7.23 -11.13
C ASP A 155 13.19 5.81 -11.57
N SER A 156 14.19 5.06 -12.05
CA SER A 156 13.93 3.69 -12.50
C SER A 156 13.51 2.79 -11.34
N ASP A 157 13.94 3.10 -10.12
CA ASP A 157 13.47 2.34 -8.98
C ASP A 157 12.01 2.64 -8.69
N PHE A 158 11.60 3.91 -8.81
CA PHE A 158 10.18 4.21 -8.69
C PHE A 158 9.37 3.50 -9.78
N GLU A 159 9.90 3.46 -11.01
CA GLU A 159 9.20 2.74 -12.08
C GLU A 159 9.04 1.25 -11.74
N THR A 160 10.09 0.62 -11.23
CA THR A 160 9.98 -0.78 -10.80
C THR A 160 8.89 -0.94 -9.75
N VAL A 161 8.89 -0.06 -8.75
CA VAL A 161 7.87 -0.10 -7.72
C VAL A 161 6.48 0.02 -8.33
N TYR A 162 6.30 0.99 -9.23
CA TYR A 162 5.03 1.14 -9.92
C TYR A 162 4.63 -0.17 -10.60
N GLN A 163 5.55 -0.77 -11.37
CA GLN A 163 5.17 -1.97 -12.14
C GLN A 163 4.83 -3.12 -11.19
N GLN A 164 5.57 -3.26 -10.10
CA GLN A 164 5.23 -4.28 -9.10
C GLN A 164 3.83 -4.05 -8.55
N CYS A 165 3.50 -2.79 -8.24
CA CYS A 165 2.17 -2.49 -7.70
C CYS A 165 1.08 -2.84 -8.69
N VAL A 166 1.27 -2.52 -9.98
CA VAL A 166 0.28 -2.87 -10.99
C VAL A 166 0.02 -4.38 -10.99
N ARG A 167 1.09 -5.17 -11.04
CA ARG A 167 0.93 -6.62 -11.12
C ARG A 167 0.28 -7.16 -9.85
N CYS A 168 0.77 -6.72 -8.68
CA CYS A 168 0.26 -7.23 -7.42
C CYS A 168 -1.18 -6.77 -7.19
N CYS A 169 -1.47 -5.51 -7.48
CA CYS A 169 -2.83 -5.03 -7.22
C CYS A 169 -3.85 -5.70 -8.11
N ARG A 170 -3.48 -5.94 -9.37
CA ARG A 170 -4.40 -6.62 -10.28
C ARG A 170 -4.71 -8.02 -9.80
N ALA A 171 -3.68 -8.76 -9.35
CA ALA A 171 -3.86 -10.12 -8.86
C ALA A 171 -4.67 -10.15 -7.56
N PHE A 172 -4.40 -9.20 -6.65
CA PHE A 172 -5.16 -9.14 -5.41
C PHE A 172 -6.64 -8.89 -5.67
N LEU A 173 -6.94 -7.95 -6.57
CA LEU A 173 -8.33 -7.67 -6.90
C LEU A 173 -9.00 -8.90 -7.49
N GLU A 174 -8.26 -9.66 -8.31
CA GLU A 174 -8.82 -10.85 -8.95
C GLU A 174 -9.17 -11.91 -7.91
N LYS A 175 -8.29 -12.15 -6.94
CA LYS A 175 -8.59 -13.16 -5.93
C LYS A 175 -7.70 -12.91 -4.72
N ALA A 176 -8.31 -12.57 -3.58
CA ALA A 176 -7.53 -12.39 -2.37
C ALA A 176 -7.15 -13.74 -1.78
N HIS A 177 -6.04 -13.76 -1.05
CA HIS A 177 -5.59 -14.97 -0.39
C HIS A 177 -6.51 -15.26 0.77
C11 OIF B . 14.19 6.82 5.45
C12 OIF B . 15.59 6.84 5.82
C13 OIF B . 15.88 7.56 6.93
C14 OIF B . 14.95 8.25 7.68
C15 OIF B . 13.59 8.25 7.34
C16 OIF B . 13.26 7.52 6.19
N01 OIF B . 11.81 5.62 3.11
C02 OIF B . 10.48 6.04 2.78
O03 OIF B . 9.87 6.86 3.48
C04 OIF B . 10.01 5.36 1.54
S05 OIF B . 8.50 4.54 1.70
O06 OIF B . 8.61 3.70 2.86
O07 OIF B . 8.36 3.77 0.48
O08 OIF B . 7.51 5.61 1.95
C09 OIF B . 12.45 6.22 4.21
N10 OIF B . 13.77 6.13 4.35
S17 OIF B . 11.75 7.26 5.36
H121 OIF B . 16.24 6.39 5.33
H131 OIF B . 16.77 7.59 7.20
H141 OIF B . 15.22 8.74 8.42
H151 OIF B . 12.95 8.70 7.84
H011 OIF B . 12.21 5.02 2.64
H041 OIF B . 10.68 4.72 1.26
H042 OIF B . 9.92 6.03 0.84
H061 OIF B . 9.34 3.28 2.82
#